data_3D0T
#
_entry.id   3D0T
#
_cell.length_a   104.680
_cell.length_b   104.680
_cell.length_c   164.300
_cell.angle_alpha   90.000
_cell.angle_beta   90.000
_cell.angle_gamma   120.000
#
_symmetry.space_group_name_H-M   'H 3 2'
#
loop_
_entity.id
_entity.type
_entity.pdbx_description
1 polymer 'BAG family molecular chaperone regulator 2'
2 water water
#
_entity_poly.entity_id   1
_entity_poly.type   'polypeptide(L)'
_entity_poly.pdbx_seq_one_letter_code
;GAMGSEESLKHATRIIDEVVSKFLDDLGNAKSHLMSLYSACSSEVPPGPVDQKFQSIVIGCALEDQKKIKRRLETLLRNI
DNSDKAIK
;
_entity_poly.pdbx_strand_id   A,B,C,D
#
# COMPACT_ATOMS: atom_id res chain seq x y z
N SER A 5 -10.28 40.36 -16.61
CA SER A 5 -9.82 40.07 -15.22
C SER A 5 -10.41 38.76 -14.71
N GLU A 6 -11.71 38.74 -14.41
CA GLU A 6 -12.34 37.50 -13.96
C GLU A 6 -12.24 36.53 -15.13
N GLU A 7 -12.28 37.07 -16.33
CA GLU A 7 -12.16 36.30 -17.58
C GLU A 7 -10.72 35.83 -17.67
N SER A 8 -9.80 36.76 -17.50
CA SER A 8 -8.38 36.48 -17.56
C SER A 8 -7.94 35.45 -16.50
N LEU A 9 -8.70 35.38 -15.41
CA LEU A 9 -8.42 34.46 -14.31
C LEU A 9 -8.92 33.07 -14.69
N LYS A 10 -10.06 32.99 -15.37
CA LYS A 10 -10.59 31.69 -15.78
C LYS A 10 -9.59 31.07 -16.76
N HIS A 11 -8.94 31.92 -17.56
CA HIS A 11 -7.96 31.50 -18.55
C HIS A 11 -6.69 30.92 -17.93
N ALA A 12 -6.24 31.49 -16.80
CA ALA A 12 -5.07 30.98 -16.12
C ALA A 12 -5.45 29.69 -15.39
N THR A 13 -6.68 29.66 -14.88
CA THR A 13 -7.16 28.47 -14.17
C THR A 13 -7.24 27.29 -15.11
N ARG A 14 -7.69 27.55 -16.34
CA ARG A 14 -7.82 26.49 -17.35
C ARG A 14 -6.47 25.87 -17.72
N ILE A 15 -5.46 26.70 -17.91
CA ILE A 15 -4.14 26.19 -18.24
C ILE A 15 -3.64 25.32 -17.09
N ILE A 16 -3.77 25.82 -15.86
CA ILE A 16 -3.36 25.07 -14.68
C ILE A 16 -4.10 23.73 -14.63
N ASP A 17 -5.43 23.76 -14.77
CA ASP A 17 -6.26 22.55 -14.71
C ASP A 17 -5.93 21.48 -15.73
N GLU A 18 -5.42 21.87 -16.88
CA GLU A 18 -5.10 20.88 -17.88
C GLU A 18 -3.83 20.14 -17.52
N VAL A 19 -2.85 20.88 -17.00
CA VAL A 19 -1.62 20.23 -16.60
C VAL A 19 -1.97 19.17 -15.55
N VAL A 20 -2.83 19.57 -14.62
CA VAL A 20 -3.27 18.70 -13.54
C VAL A 20 -4.03 17.50 -14.05
N SER A 21 -4.97 17.75 -14.96
CA SER A 21 -5.79 16.70 -15.53
C SER A 21 -4.94 15.72 -16.32
N LYS A 22 -3.95 16.26 -17.02
CA LYS A 22 -3.04 15.43 -17.79
C LYS A 22 -2.33 14.50 -16.81
N PHE A 23 -1.89 15.03 -15.66
CA PHE A 23 -1.21 14.21 -14.67
C PHE A 23 -2.14 13.16 -14.07
N LEU A 24 -3.38 13.52 -13.79
CA LEU A 24 -4.32 12.54 -13.22
C LEU A 24 -4.58 11.46 -14.25
N ASP A 25 -4.59 11.86 -15.51
CA ASP A 25 -4.79 10.93 -16.62
C ASP A 25 -3.64 9.96 -16.62
N ASP A 26 -2.41 10.46 -16.59
CA ASP A 26 -1.25 9.58 -16.56
C ASP A 26 -1.29 8.68 -15.33
N LEU A 27 -1.83 9.19 -14.23
CA LEU A 27 -1.90 8.40 -12.99
C LEU A 27 -2.93 7.27 -13.10
N GLY A 28 -3.99 7.51 -13.87
CA GLY A 28 -5.00 6.47 -14.05
C GLY A 28 -4.43 5.42 -14.99
N ASN A 29 -3.55 5.88 -15.88
CA ASN A 29 -2.92 4.97 -16.83
C ASN A 29 -2.06 3.96 -16.08
N ALA A 30 -1.18 4.48 -15.22
CA ALA A 30 -0.30 3.65 -14.42
C ALA A 30 -1.09 2.69 -13.53
N LYS A 31 -2.22 3.16 -13.01
CA LYS A 31 -3.07 2.34 -12.13
C LYS A 31 -3.75 1.18 -12.85
N SER A 32 -4.15 1.41 -14.10
CA SER A 32 -4.80 0.35 -14.86
C SER A 32 -3.72 -0.69 -15.16
N HIS A 33 -2.54 -0.23 -15.52
CA HIS A 33 -1.45 -1.17 -15.79
C HIS A 33 -1.28 -2.05 -14.56
N LEU A 34 -0.98 -1.42 -13.41
CA LEU A 34 -0.78 -2.14 -12.17
C LEU A 34 -1.92 -3.09 -11.85
N MET A 35 -3.16 -2.65 -12.08
CA MET A 35 -4.32 -3.50 -11.83
C MET A 35 -4.29 -4.69 -12.77
N SER A 36 -3.94 -4.41 -14.03
CA SER A 36 -3.84 -5.45 -15.03
C SER A 36 -2.85 -6.53 -14.58
N LEU A 37 -1.68 -6.10 -14.10
CA LEU A 37 -0.68 -7.04 -13.63
C LEU A 37 -1.19 -7.77 -12.39
N TYR A 38 -1.84 -7.04 -11.50
CA TYR A 38 -2.38 -7.62 -10.28
C TYR A 38 -3.39 -8.70 -10.58
N SER A 39 -4.36 -8.37 -11.43
CA SER A 39 -5.41 -9.30 -11.82
C SER A 39 -4.81 -10.55 -12.48
N ALA A 40 -3.60 -10.40 -13.03
CA ALA A 40 -2.91 -11.50 -13.68
C ALA A 40 -2.42 -12.50 -12.63
N CYS A 41 -2.46 -12.09 -11.36
CA CYS A 41 -2.02 -12.95 -10.27
C CYS A 41 -3.20 -13.50 -9.50
N SER A 42 -3.97 -12.61 -8.87
CA SER A 42 -5.14 -13.01 -8.10
C SER A 42 -5.61 -14.40 -8.49
N VAL A 50 0.34 -7.32 -21.86
CA VAL A 50 1.24 -7.77 -20.80
C VAL A 50 0.52 -8.50 -19.66
N ASP A 51 -0.79 -8.64 -19.78
CA ASP A 51 -1.64 -9.31 -18.77
C ASP A 51 -1.42 -10.84 -18.74
N GLN A 52 -1.74 -11.52 -19.83
CA GLN A 52 -1.57 -12.98 -19.90
C GLN A 52 -0.09 -13.34 -19.89
N LYS A 53 0.71 -12.46 -20.47
CA LYS A 53 2.15 -12.66 -20.51
C LYS A 53 2.72 -12.64 -19.08
N PHE A 54 2.39 -11.61 -18.32
CA PHE A 54 2.84 -11.46 -16.93
C PHE A 54 2.41 -12.69 -16.14
N GLN A 55 1.18 -13.15 -16.39
CA GLN A 55 0.68 -14.33 -15.71
C GLN A 55 1.63 -15.50 -15.97
N SER A 56 2.03 -15.69 -17.23
CA SER A 56 2.95 -16.77 -17.58
C SER A 56 4.26 -16.62 -16.80
N ILE A 57 4.78 -15.39 -16.77
CA ILE A 57 6.02 -15.10 -16.06
C ILE A 57 5.90 -15.45 -14.58
N VAL A 58 4.81 -15.00 -13.97
CA VAL A 58 4.58 -15.24 -12.54
C VAL A 58 4.53 -16.74 -12.21
N ILE A 59 3.86 -17.52 -13.05
CA ILE A 59 3.75 -18.97 -12.87
C ILE A 59 5.11 -19.65 -12.71
N GLY A 60 6.12 -19.14 -13.42
CA GLY A 60 7.46 -19.71 -13.37
C GLY A 60 8.29 -19.38 -12.14
N CYS A 61 7.76 -18.52 -11.26
CA CYS A 61 8.46 -18.10 -10.03
C CYS A 61 8.10 -19.04 -8.89
N ALA A 62 9.04 -19.26 -7.97
CA ALA A 62 8.76 -20.08 -6.79
C ALA A 62 7.58 -19.37 -6.10
N LEU A 63 6.70 -20.12 -5.44
CA LEU A 63 5.55 -19.48 -4.79
C LEU A 63 5.91 -18.32 -3.86
N GLU A 64 6.94 -18.51 -3.04
CA GLU A 64 7.37 -17.45 -2.12
C GLU A 64 7.64 -16.16 -2.90
N ASP A 65 8.11 -16.30 -4.14
CA ASP A 65 8.42 -15.15 -4.99
C ASP A 65 7.16 -14.61 -5.65
N GLN A 66 6.16 -15.46 -5.86
CA GLN A 66 4.91 -15.03 -6.48
C GLN A 66 4.14 -14.16 -5.51
N LYS A 67 4.19 -14.52 -4.24
CA LYS A 67 3.49 -13.75 -3.23
C LYS A 67 4.20 -12.42 -3.08
N LYS A 68 5.52 -12.42 -3.19
CA LYS A 68 6.25 -11.18 -3.07
C LYS A 68 5.81 -10.21 -4.17
N ILE A 69 5.68 -10.74 -5.38
CA ILE A 69 5.26 -9.96 -6.52
C ILE A 69 3.82 -9.49 -6.34
N LYS A 70 2.95 -10.39 -5.91
CA LYS A 70 1.55 -10.03 -5.69
C LYS A 70 1.49 -8.88 -4.68
N ARG A 71 2.27 -9.03 -3.61
CA ARG A 71 2.35 -8.06 -2.53
C ARG A 71 2.92 -6.70 -2.96
N ARG A 72 3.90 -6.71 -3.85
CA ARG A 72 4.49 -5.44 -4.28
C ARG A 72 3.45 -4.66 -5.05
N LEU A 73 2.66 -5.38 -5.84
CA LEU A 73 1.59 -4.78 -6.63
C LEU A 73 0.51 -4.20 -5.72
N GLU A 74 0.17 -4.92 -4.65
CA GLU A 74 -0.85 -4.41 -3.72
C GLU A 74 -0.35 -3.09 -3.16
N THR A 75 0.87 -3.13 -2.63
CA THR A 75 1.51 -1.96 -2.06
C THR A 75 1.52 -0.81 -3.08
N LEU A 76 1.95 -1.10 -4.30
CA LEU A 76 2.01 -0.06 -5.31
C LEU A 76 0.64 0.52 -5.60
N LEU A 77 -0.41 -0.29 -5.52
CA LEU A 77 -1.75 0.25 -5.74
C LEU A 77 -2.17 1.17 -4.57
N ARG A 78 -1.72 0.89 -3.33
CA ARG A 78 -2.04 1.79 -2.22
C ARG A 78 -1.21 3.05 -2.40
N ASN A 79 0.04 2.88 -2.85
CA ASN A 79 0.93 4.03 -3.05
C ASN A 79 0.34 5.01 -4.05
N ILE A 80 -0.02 4.51 -5.22
CA ILE A 80 -0.57 5.35 -6.27
C ILE A 80 -1.93 5.96 -5.89
N ASP A 81 -2.71 5.28 -5.06
CA ASP A 81 -3.98 5.85 -4.62
C ASP A 81 -3.68 7.01 -3.70
N ASN A 82 -2.53 6.94 -3.01
CA ASN A 82 -2.13 8.03 -2.14
C ASN A 82 -1.54 9.19 -2.95
N SER A 83 -0.96 8.87 -4.11
CA SER A 83 -0.40 9.88 -5.01
C SER A 83 -1.55 10.68 -5.58
N ASP A 84 -2.65 9.97 -5.81
CA ASP A 84 -3.87 10.54 -6.40
C ASP A 84 -4.55 11.45 -5.41
N LYS A 85 -4.77 10.90 -4.25
CA LYS A 85 -5.40 11.60 -3.15
C LYS A 85 -4.60 12.85 -2.76
N ALA A 86 -3.31 12.82 -3.03
CA ALA A 86 -2.44 13.94 -2.71
C ALA A 86 -2.69 15.17 -3.58
N ILE A 87 -3.41 14.99 -4.69
CA ILE A 87 -3.69 16.13 -5.56
C ILE A 87 -5.03 16.68 -5.18
N LYS A 88 -5.00 17.77 -4.44
CA LYS A 88 -6.22 18.40 -3.95
C LYS A 88 -6.49 19.71 -4.67
N GLY B 4 16.50 -20.23 -12.13
CA GLY B 4 15.18 -20.41 -12.82
C GLY B 4 14.11 -19.50 -12.25
N SER B 5 13.74 -19.75 -11.00
CA SER B 5 12.73 -18.96 -10.30
C SER B 5 13.30 -17.57 -10.00
N GLU B 6 14.61 -17.45 -10.18
CA GLU B 6 15.35 -16.22 -9.96
C GLU B 6 15.20 -15.28 -11.17
N GLU B 7 15.40 -15.82 -12.35
CA GLU B 7 15.27 -15.07 -13.59
C GLU B 7 13.82 -14.60 -13.73
N SER B 8 12.88 -15.48 -13.38
CA SER B 8 11.46 -15.16 -13.45
C SER B 8 11.12 -13.97 -12.54
N LEU B 9 11.80 -13.90 -11.40
CA LEU B 9 11.59 -12.83 -10.43
C LEU B 9 12.18 -11.52 -10.95
N LYS B 10 13.37 -11.59 -11.56
CA LYS B 10 13.99 -10.38 -12.10
C LYS B 10 13.14 -9.85 -13.25
N HIS B 11 12.63 -10.77 -14.06
CA HIS B 11 11.81 -10.41 -15.21
C HIS B 11 10.51 -9.74 -14.74
N ALA B 12 9.80 -10.42 -13.84
CA ALA B 12 8.54 -9.89 -13.32
C ALA B 12 8.75 -8.53 -12.66
N THR B 13 9.90 -8.39 -12.01
CA THR B 13 10.24 -7.15 -11.34
C THR B 13 10.55 -6.03 -12.33
N ARG B 14 11.15 -6.40 -13.46
CA ARG B 14 11.51 -5.47 -14.53
C ARG B 14 10.25 -4.84 -15.10
N ILE B 15 9.27 -5.68 -15.40
CA ILE B 15 8.02 -5.21 -15.96
C ILE B 15 7.35 -4.24 -15.00
N ILE B 16 7.20 -4.64 -13.74
CA ILE B 16 6.59 -3.76 -12.73
C ILE B 16 7.36 -2.44 -12.66
N ASP B 17 8.68 -2.52 -12.46
CA ASP B 17 9.53 -1.35 -12.39
C ASP B 17 9.30 -0.38 -13.55
N GLU B 18 9.09 -0.92 -14.75
CA GLU B 18 8.88 -0.07 -15.91
C GLU B 18 7.60 0.72 -15.79
N VAL B 19 6.56 0.09 -15.26
CA VAL B 19 5.29 0.78 -15.09
C VAL B 19 5.46 1.95 -14.11
N VAL B 20 6.12 1.69 -12.99
CA VAL B 20 6.32 2.74 -11.99
C VAL B 20 7.19 3.87 -12.55
N SER B 21 8.23 3.48 -13.27
CA SER B 21 9.18 4.40 -13.87
C SER B 21 8.54 5.36 -14.88
N LYS B 22 7.61 4.87 -15.70
CA LYS B 22 6.96 5.73 -16.66
C LYS B 22 6.05 6.68 -15.91
N PHE B 23 5.39 6.17 -14.87
CA PHE B 23 4.53 7.05 -14.10
C PHE B 23 5.32 8.18 -13.45
N LEU B 24 6.55 7.89 -13.00
CA LEU B 24 7.38 8.91 -12.36
C LEU B 24 7.94 9.91 -13.37
N ASP B 25 8.11 9.50 -14.62
CA ASP B 25 8.62 10.41 -15.66
C ASP B 25 7.47 11.39 -15.95
N ASP B 26 6.24 10.87 -15.97
CA ASP B 26 5.08 11.70 -16.22
C ASP B 26 4.91 12.68 -15.07
N LEU B 27 5.17 12.23 -13.86
CA LEU B 27 5.04 13.10 -12.71
C LEU B 27 6.12 14.19 -12.89
N GLY B 28 7.30 13.78 -13.32
CA GLY B 28 8.37 14.74 -13.53
C GLY B 28 7.99 15.81 -14.55
N ASN B 29 7.33 15.40 -15.64
CA ASN B 29 6.91 16.36 -16.66
C ASN B 29 5.81 17.27 -16.11
N ALA B 30 4.93 16.71 -15.28
CA ALA B 30 3.85 17.48 -14.69
C ALA B 30 4.43 18.52 -13.74
N LYS B 31 5.38 18.10 -12.90
CA LYS B 31 6.03 18.98 -11.94
C LYS B 31 6.85 20.06 -12.64
N SER B 32 7.63 19.69 -13.65
CA SER B 32 8.44 20.69 -14.33
C SER B 32 7.55 21.70 -15.05
N HIS B 33 6.40 21.25 -15.55
CA HIS B 33 5.49 22.15 -16.25
C HIS B 33 4.82 23.10 -15.26
N LEU B 34 4.62 22.66 -14.03
CA LEU B 34 4.02 23.50 -13.00
C LEU B 34 5.06 24.52 -12.56
N MET B 35 6.32 24.12 -12.60
CA MET B 35 7.43 24.99 -12.23
C MET B 35 7.69 26.07 -13.26
N SER B 36 7.36 25.80 -14.53
CA SER B 36 7.57 26.80 -15.56
C SER B 36 6.45 27.82 -15.50
N LEU B 37 5.23 27.35 -15.21
CA LEU B 37 4.09 28.26 -15.10
C LEU B 37 4.33 29.16 -13.90
N TYR B 38 4.91 28.59 -12.85
CA TYR B 38 5.19 29.32 -11.61
C TYR B 38 6.30 30.34 -11.75
N SER B 39 7.37 29.96 -12.46
CA SER B 39 8.49 30.86 -12.65
C SER B 39 8.05 32.08 -13.44
N ALA B 40 6.97 31.93 -14.21
CA ALA B 40 6.44 33.01 -15.01
C ALA B 40 5.80 34.09 -14.15
N CYS B 41 5.32 33.69 -12.97
CA CYS B 41 4.69 34.62 -12.04
C CYS B 41 5.74 35.37 -11.23
N SER B 42 6.54 34.63 -10.48
CA SER B 42 7.59 35.23 -9.65
C SER B 42 8.81 35.56 -10.48
N ASP B 51 5.12 28.94 -20.34
CA ASP B 51 5.74 30.08 -19.68
C ASP B 51 5.26 31.38 -20.33
N GLN B 52 5.83 31.72 -21.47
CA GLN B 52 5.50 32.95 -22.18
C GLN B 52 3.99 33.20 -22.39
N LYS B 53 3.27 32.16 -22.80
CA LYS B 53 1.83 32.27 -23.03
C LYS B 53 1.06 32.47 -21.72
N PHE B 54 1.56 31.86 -20.65
CA PHE B 54 0.90 31.95 -19.35
C PHE B 54 1.17 33.26 -18.62
N GLN B 55 2.40 33.76 -18.69
CA GLN B 55 2.74 35.00 -17.99
C GLN B 55 2.09 36.24 -18.57
N SER B 56 1.85 36.26 -19.87
CA SER B 56 1.19 37.41 -20.46
C SER B 56 -0.23 37.41 -19.92
N ILE B 57 -0.76 36.22 -19.65
CA ILE B 57 -2.11 36.08 -19.12
C ILE B 57 -2.15 36.60 -17.69
N VAL B 58 -1.17 36.20 -16.88
CA VAL B 58 -1.07 36.61 -15.49
C VAL B 58 -0.99 38.14 -15.36
N ILE B 59 -0.24 38.79 -16.24
CA ILE B 59 -0.11 40.26 -16.18
C ILE B 59 -1.46 40.96 -16.33
N GLY B 60 -2.31 40.45 -17.21
CA GLY B 60 -3.61 41.06 -17.43
C GLY B 60 -4.57 40.75 -16.30
N CYS B 61 -4.04 40.20 -15.22
CA CYS B 61 -4.85 39.87 -14.04
C CYS B 61 -4.60 40.91 -12.97
N ALA B 62 -5.61 41.14 -12.13
CA ALA B 62 -5.45 42.09 -11.04
C ALA B 62 -4.49 41.43 -10.06
N LEU B 63 -3.73 42.26 -9.33
CA LEU B 63 -2.77 41.74 -8.36
C LEU B 63 -3.32 40.64 -7.45
N GLU B 64 -4.48 40.86 -6.84
CA GLU B 64 -5.08 39.84 -5.97
C GLU B 64 -5.33 38.53 -6.70
N ASP B 65 -5.55 38.60 -8.00
CA ASP B 65 -5.78 37.40 -8.77
C ASP B 65 -4.42 36.79 -9.04
N GLN B 66 -3.41 37.64 -9.18
CA GLN B 66 -2.07 37.18 -9.42
C GLN B 66 -1.59 36.37 -8.23
N LYS B 67 -2.02 36.77 -7.04
CA LYS B 67 -1.64 36.07 -5.82
C LYS B 67 -2.36 34.73 -5.72
N LYS B 68 -3.63 34.71 -6.13
CA LYS B 68 -4.41 33.47 -6.13
C LYS B 68 -3.80 32.48 -7.13
N ILE B 69 -3.22 33.00 -8.21
CA ILE B 69 -2.60 32.15 -9.21
C ILE B 69 -1.33 31.54 -8.65
N LYS B 70 -0.45 32.37 -8.10
CA LYS B 70 0.81 31.89 -7.53
C LYS B 70 0.56 30.93 -6.39
N ARG B 71 -0.39 31.25 -5.53
CA ARG B 71 -0.65 30.37 -4.41
C ARG B 71 -1.15 29.00 -4.84
N ARG B 72 -2.03 28.95 -5.84
CA ARG B 72 -2.51 27.65 -6.27
C ARG B 72 -1.36 26.84 -6.91
N LEU B 73 -0.39 27.52 -7.50
CA LEU B 73 0.76 26.82 -8.07
C LEU B 73 1.63 26.26 -6.93
N GLU B 74 1.85 27.06 -5.89
CA GLU B 74 2.64 26.61 -4.76
C GLU B 74 1.93 25.43 -4.10
N THR B 75 0.60 25.52 -4.03
CA THR B 75 -0.20 24.46 -3.44
C THR B 75 -0.03 23.17 -4.25
N LEU B 76 -0.15 23.27 -5.57
CA LEU B 76 -0.03 22.09 -6.43
C LEU B 76 1.37 21.49 -6.44
N LEU B 77 2.39 22.32 -6.31
CA LEU B 77 3.75 21.81 -6.29
C LEU B 77 3.93 21.06 -4.96
N ARG B 78 3.31 21.54 -3.89
CA ARG B 78 3.38 20.85 -2.60
C ARG B 78 2.69 19.50 -2.76
N ASN B 79 1.49 19.50 -3.34
CA ASN B 79 0.72 18.28 -3.57
C ASN B 79 1.40 17.25 -4.50
N ILE B 80 2.14 17.76 -5.49
CA ILE B 80 2.80 16.92 -6.48
C ILE B 80 4.01 16.28 -5.84
N ASP B 81 4.63 17.02 -4.93
CA ASP B 81 5.78 16.50 -4.24
C ASP B 81 5.32 15.37 -3.31
N ASN B 82 4.09 15.48 -2.80
CA ASN B 82 3.52 14.45 -1.93
C ASN B 82 3.08 13.25 -2.73
N SER B 83 2.72 13.45 -4.01
CA SER B 83 2.31 12.31 -4.83
C SER B 83 3.59 11.55 -5.13
N ASP B 84 4.66 12.29 -5.41
CA ASP B 84 5.98 11.71 -5.69
C ASP B 84 6.35 10.81 -4.51
N LYS B 85 6.45 11.45 -3.35
CA LYS B 85 6.80 10.82 -2.08
C LYS B 85 5.93 9.62 -1.74
N ALA B 86 4.72 9.59 -2.25
CA ALA B 86 3.79 8.52 -1.97
C ALA B 86 4.25 7.19 -2.56
N ILE B 87 5.04 7.26 -3.64
CA ILE B 87 5.55 6.07 -4.30
C ILE B 87 6.85 5.66 -3.60
N LYS B 88 6.74 4.67 -2.72
CA LYS B 88 7.89 4.18 -1.94
C LYS B 88 8.69 3.11 -2.66
N SER C 5 -32.41 -11.77 22.31
CA SER C 5 -31.57 -10.67 21.85
C SER C 5 -30.33 -10.52 22.72
N GLU C 6 -30.54 -10.31 24.02
CA GLU C 6 -29.44 -10.15 24.96
C GLU C 6 -28.42 -11.28 24.81
N GLU C 7 -28.92 -12.50 24.63
CA GLU C 7 -28.05 -13.66 24.48
C GLU C 7 -27.37 -13.67 23.11
N SER C 8 -28.10 -13.24 22.09
CA SER C 8 -27.58 -13.20 20.73
C SER C 8 -26.38 -12.27 20.63
N LEU C 9 -26.48 -11.11 21.27
CA LEU C 9 -25.42 -10.12 21.24
C LEU C 9 -24.11 -10.78 21.69
N LYS C 10 -24.11 -11.31 22.91
CA LYS C 10 -22.94 -11.97 23.48
C LYS C 10 -22.41 -13.09 22.61
N HIS C 11 -23.29 -13.73 21.86
CA HIS C 11 -22.89 -14.82 20.97
C HIS C 11 -22.12 -14.27 19.78
N ALA C 12 -22.70 -13.28 19.12
CA ALA C 12 -22.08 -12.64 17.95
C ALA C 12 -20.74 -12.01 18.34
N THR C 13 -20.69 -11.44 19.54
CA THR C 13 -19.49 -10.81 20.04
C THR C 13 -18.38 -11.87 20.24
N ARG C 14 -18.80 -13.03 20.71
CA ARG C 14 -17.91 -14.17 20.95
C ARG C 14 -17.32 -14.63 19.61
N ILE C 15 -18.18 -14.78 18.61
CA ILE C 15 -17.73 -15.23 17.29
C ILE C 15 -16.73 -14.24 16.71
N ILE C 16 -16.97 -12.95 16.91
CA ILE C 16 -16.05 -11.94 16.40
C ILE C 16 -14.79 -11.88 17.26
N ASP C 17 -14.94 -11.92 18.58
CA ASP C 17 -13.79 -11.89 19.46
C ASP C 17 -12.79 -13.00 19.13
N GLU C 18 -13.28 -14.18 18.70
CA GLU C 18 -12.38 -15.30 18.38
C GLU C 18 -11.53 -15.04 17.15
N VAL C 19 -12.15 -14.51 16.11
CA VAL C 19 -11.42 -14.20 14.89
C VAL C 19 -10.30 -13.20 15.18
N VAL C 20 -10.62 -12.19 15.98
CA VAL C 20 -9.64 -11.15 16.34
C VAL C 20 -8.51 -11.70 17.22
N SER C 21 -8.87 -12.41 18.28
CA SER C 21 -7.87 -12.97 19.19
C SER C 21 -6.94 -13.89 18.43
N LYS C 22 -7.50 -14.63 17.48
CA LYS C 22 -6.69 -15.54 16.66
C LYS C 22 -5.69 -14.72 15.87
N PHE C 23 -6.18 -13.65 15.24
CA PHE C 23 -5.29 -12.80 14.46
C PHE C 23 -4.19 -12.27 15.37
N LEU C 24 -4.55 -11.79 16.55
CA LEU C 24 -3.54 -11.27 17.47
C LEU C 24 -2.54 -12.36 17.88
N ASP C 25 -2.97 -13.62 17.91
CA ASP C 25 -2.04 -14.71 18.26
C ASP C 25 -1.05 -14.88 17.10
N ASP C 26 -1.54 -14.86 15.87
CA ASP C 26 -0.67 -15.00 14.71
C ASP C 26 0.29 -13.80 14.66
N LEU C 27 -0.21 -12.63 15.03
CA LEU C 27 0.62 -11.45 15.04
C LEU C 27 1.71 -11.60 16.10
N GLY C 28 1.37 -12.30 17.18
CA GLY C 28 2.31 -12.53 18.25
C GLY C 28 3.38 -13.54 17.87
N ASN C 29 3.03 -14.57 17.10
CA ASN C 29 4.06 -15.56 16.71
C ASN C 29 5.06 -14.94 15.74
N ALA C 30 4.57 -14.25 14.72
CA ALA C 30 5.47 -13.62 13.75
C ALA C 30 6.43 -12.69 14.47
N LYS C 31 5.90 -11.94 15.45
CA LYS C 31 6.71 -11.01 16.24
C LYS C 31 7.81 -11.74 17.02
N SER C 32 7.47 -12.81 17.73
CA SER C 32 8.49 -13.54 18.48
C SER C 32 9.44 -14.28 17.54
N HIS C 33 8.93 -14.72 16.39
CA HIS C 33 9.74 -15.42 15.40
C HIS C 33 10.73 -14.40 14.87
N LEU C 34 10.27 -13.17 14.66
CA LEU C 34 11.12 -12.10 14.18
C LEU C 34 12.17 -11.72 15.22
N MET C 35 11.79 -11.78 16.50
CA MET C 35 12.71 -11.45 17.57
C MET C 35 13.79 -12.51 17.69
N SER C 36 13.38 -13.77 17.59
CA SER C 36 14.36 -14.84 17.69
C SER C 36 15.39 -14.75 16.56
N LEU C 37 14.98 -14.26 15.40
CA LEU C 37 15.93 -14.15 14.30
C LEU C 37 16.85 -12.98 14.59
N TYR C 38 16.26 -11.90 15.11
CA TYR C 38 17.05 -10.71 15.44
C TYR C 38 18.15 -11.03 16.47
N SER C 39 17.77 -11.66 17.57
CA SER C 39 18.77 -11.99 18.58
C SER C 39 19.78 -12.98 18.02
N ALA C 40 19.43 -13.65 16.91
CA ALA C 40 20.35 -14.59 16.27
C ALA C 40 21.45 -13.78 15.60
N CYS C 41 21.25 -12.46 15.55
CA CYS C 41 22.21 -11.52 14.98
C CYS C 41 22.80 -10.78 16.16
N SER C 42 22.03 -9.82 16.66
CA SER C 42 22.43 -8.99 17.78
C SER C 42 22.59 -9.82 19.05
N ASP C 51 15.95 -19.64 14.60
CA ASP C 51 16.91 -18.97 15.46
C ASP C 51 18.27 -19.67 15.46
N GLN C 52 18.26 -20.99 15.37
CA GLN C 52 19.51 -21.76 15.35
C GLN C 52 20.02 -21.97 13.94
N LYS C 53 19.12 -22.30 13.03
CA LYS C 53 19.51 -22.50 11.65
C LYS C 53 19.74 -21.14 10.99
N PHE C 54 19.08 -20.12 11.52
CA PHE C 54 19.23 -18.78 10.97
C PHE C 54 20.57 -18.18 11.39
N GLN C 55 20.90 -18.37 12.65
CA GLN C 55 22.15 -17.88 13.20
C GLN C 55 23.34 -18.41 12.41
N SER C 56 23.28 -19.69 12.07
CA SER C 56 24.35 -20.33 11.31
C SER C 56 24.43 -19.80 9.88
N ILE C 57 23.32 -19.30 9.36
CA ILE C 57 23.31 -18.76 8.00
C ILE C 57 23.84 -17.35 8.04
N VAL C 58 23.45 -16.61 9.07
CA VAL C 58 23.89 -15.22 9.25
C VAL C 58 25.42 -15.06 9.22
N ILE C 59 26.15 -15.92 9.94
CA ILE C 59 27.61 -15.83 9.98
C ILE C 59 28.25 -16.01 8.60
N GLY C 60 27.61 -16.77 7.73
CA GLY C 60 28.15 -16.97 6.39
C GLY C 60 27.97 -15.73 5.53
N CYS C 61 27.31 -14.71 6.09
CA CYS C 61 27.07 -13.47 5.38
C CYS C 61 28.18 -12.47 5.66
N ALA C 62 28.38 -11.54 4.73
CA ALA C 62 29.38 -10.49 4.90
C ALA C 62 28.82 -9.49 5.91
N LEU C 63 29.69 -8.91 6.72
CA LEU C 63 29.24 -7.94 7.71
C LEU C 63 28.27 -6.90 7.15
N GLU C 64 28.54 -6.36 5.97
CA GLU C 64 27.66 -5.36 5.37
C GLU C 64 26.23 -5.90 5.19
N ASP C 65 26.15 -7.16 4.75
CA ASP C 65 24.88 -7.82 4.53
C ASP C 65 24.25 -8.25 5.87
N GLN C 66 25.07 -8.33 6.92
CA GLN C 66 24.58 -8.69 8.24
C GLN C 66 23.97 -7.45 8.86
N LYS C 67 24.48 -6.29 8.46
CA LYS C 67 23.98 -5.01 8.94
C LYS C 67 22.60 -4.79 8.34
N LYS C 68 22.48 -5.03 7.03
CA LYS C 68 21.23 -4.89 6.32
C LYS C 68 20.17 -5.80 6.95
N ILE C 69 20.53 -7.06 7.17
CA ILE C 69 19.63 -8.05 7.75
C ILE C 69 19.08 -7.57 9.08
N LYS C 70 20.00 -7.18 9.96
CA LYS C 70 19.57 -6.69 11.26
C LYS C 70 18.61 -5.52 11.06
N ARG C 71 19.04 -4.53 10.27
CA ARG C 71 18.20 -3.37 10.01
C ARG C 71 16.82 -3.79 9.53
N ARG C 72 16.77 -4.71 8.56
CA ARG C 72 15.50 -5.20 8.03
C ARG C 72 14.64 -5.78 9.13
N LEU C 73 15.26 -6.50 10.07
CA LEU C 73 14.51 -7.10 11.16
C LEU C 73 13.96 -6.00 12.04
N GLU C 74 14.76 -4.97 12.30
CA GLU C 74 14.36 -3.83 13.13
C GLU C 74 13.14 -3.15 12.53
N THR C 75 13.27 -2.81 11.26
CA THR C 75 12.19 -2.17 10.55
C THR C 75 10.95 -3.06 10.54
N LEU C 76 11.11 -4.37 10.36
CA LEU C 76 9.97 -5.26 10.33
C LEU C 76 9.24 -5.30 11.66
N LEU C 77 10.01 -5.26 12.74
CA LEU C 77 9.45 -5.28 14.09
C LEU C 77 8.65 -4.00 14.34
N ARG C 78 9.13 -2.89 13.79
CA ARG C 78 8.41 -1.62 13.92
C ARG C 78 7.13 -1.74 13.12
N ASN C 79 7.23 -2.28 11.92
CA ASN C 79 6.08 -2.46 11.05
C ASN C 79 5.02 -3.35 11.71
N ILE C 80 5.44 -4.47 12.32
CA ILE C 80 4.47 -5.36 12.93
C ILE C 80 3.94 -4.77 14.24
N ASP C 81 4.68 -3.84 14.82
CA ASP C 81 4.21 -3.20 16.04
C ASP C 81 3.08 -2.26 15.63
N ASN C 82 3.21 -1.67 14.44
CA ASN C 82 2.18 -0.79 13.97
C ASN C 82 0.98 -1.64 13.55
N SER C 83 1.23 -2.88 13.10
CA SER C 83 0.12 -3.75 12.72
C SER C 83 -0.77 -4.09 13.93
N ASP C 84 -0.13 -4.29 15.07
CA ASP C 84 -0.79 -4.62 16.33
C ASP C 84 -1.57 -3.40 16.80
N LYS C 85 -0.91 -2.26 16.66
CA LYS C 85 -1.46 -0.98 17.04
C LYS C 85 -2.70 -0.63 16.19
N ALA C 86 -2.76 -1.15 14.97
CA ALA C 86 -3.90 -0.88 14.09
C ALA C 86 -5.21 -1.47 14.62
N ILE C 87 -5.11 -2.55 15.40
CA ILE C 87 -6.29 -3.20 15.94
C ILE C 87 -6.63 -2.54 17.28
N LYS C 88 -7.57 -1.59 17.23
CA LYS C 88 -8.03 -0.83 18.39
C LYS C 88 -8.96 -1.62 19.32
N GLY D 4 29.12 -17.68 -1.63
CA GLY D 4 28.92 -17.89 -0.17
C GLY D 4 28.19 -16.75 0.53
N SER D 5 28.81 -15.58 0.58
CA SER D 5 28.22 -14.42 1.25
C SER D 5 26.92 -13.91 0.63
N GLU D 6 26.90 -13.79 -0.70
CA GLU D 6 25.71 -13.33 -1.41
C GLU D 6 24.68 -14.48 -1.50
N GLU D 7 25.18 -15.70 -1.33
CA GLU D 7 24.35 -16.90 -1.36
C GLU D 7 23.73 -17.02 0.04
N SER D 8 24.51 -16.65 1.05
CA SER D 8 24.04 -16.70 2.42
C SER D 8 22.96 -15.63 2.58
N LEU D 9 23.12 -14.52 1.86
CA LEU D 9 22.18 -13.41 1.87
C LEU D 9 20.82 -13.93 1.43
N LYS D 10 20.79 -14.54 0.25
CA LYS D 10 19.59 -15.14 -0.31
C LYS D 10 18.94 -16.12 0.65
N HIS D 11 19.74 -16.95 1.31
CA HIS D 11 19.17 -17.93 2.22
C HIS D 11 18.51 -17.22 3.39
N ALA D 12 19.24 -16.29 4.02
CA ALA D 12 18.74 -15.54 5.16
C ALA D 12 17.59 -14.62 4.78
N THR D 13 17.64 -14.07 3.58
CA THR D 13 16.57 -13.18 3.12
C THR D 13 15.25 -13.90 2.93
N ARG D 14 15.26 -15.09 2.35
CA ARG D 14 14.00 -15.78 2.14
C ARG D 14 13.45 -16.42 3.39
N ILE D 15 14.27 -16.56 4.43
CA ILE D 15 13.74 -17.11 5.67
C ILE D 15 12.95 -16.00 6.39
N ILE D 16 13.37 -14.75 6.21
CA ILE D 16 12.65 -13.64 6.82
C ILE D 16 11.34 -13.49 6.01
N ASP D 17 11.48 -13.50 4.69
CA ASP D 17 10.34 -13.38 3.75
C ASP D 17 9.22 -14.36 4.06
N GLU D 18 9.57 -15.58 4.44
CA GLU D 18 8.60 -16.61 4.77
C GLU D 18 7.88 -16.30 6.07
N VAL D 19 8.60 -15.76 7.04
CA VAL D 19 7.97 -15.41 8.31
C VAL D 19 6.93 -14.31 8.05
N VAL D 20 7.34 -13.29 7.30
CA VAL D 20 6.46 -12.17 6.93
C VAL D 20 5.27 -12.66 6.09
N SER D 21 5.57 -13.54 5.15
CA SER D 21 4.57 -14.08 4.22
C SER D 21 3.51 -14.91 4.94
N LYS D 22 3.90 -15.61 5.99
CA LYS D 22 2.98 -16.42 6.76
C LYS D 22 2.09 -15.49 7.57
N PHE D 23 2.64 -14.34 7.98
CA PHE D 23 1.85 -13.37 8.74
C PHE D 23 0.78 -12.73 7.84
N LEU D 24 1.19 -12.35 6.63
CA LEU D 24 0.28 -11.76 5.67
C LEU D 24 -0.81 -12.75 5.32
N ASP D 25 -0.46 -14.04 5.22
CA ASP D 25 -1.50 -15.03 4.92
C ASP D 25 -2.43 -15.11 6.14
N ASP D 26 -1.86 -15.10 7.35
CA ASP D 26 -2.71 -15.14 8.54
C ASP D 26 -3.62 -13.91 8.59
N LEU D 27 -3.09 -12.75 8.19
CA LEU D 27 -3.87 -11.53 8.17
C LEU D 27 -4.99 -11.70 7.13
N GLY D 28 -4.64 -12.23 5.96
CA GLY D 28 -5.61 -12.44 4.91
C GLY D 28 -6.74 -13.34 5.37
N ASN D 29 -6.41 -14.33 6.20
CA ASN D 29 -7.43 -15.25 6.68
C ASN D 29 -8.36 -14.57 7.67
N ALA D 30 -7.82 -13.64 8.45
CA ALA D 30 -8.68 -12.91 9.39
C ALA D 30 -9.59 -12.01 8.57
N LYS D 31 -9.04 -11.34 7.57
CA LYS D 31 -9.83 -10.46 6.72
C LYS D 31 -10.98 -11.20 6.03
N SER D 32 -10.70 -12.36 5.42
CA SER D 32 -11.74 -13.14 4.73
C SER D 32 -12.79 -13.63 5.71
N HIS D 33 -12.37 -13.98 6.91
CA HIS D 33 -13.31 -14.45 7.91
C HIS D 33 -14.19 -13.28 8.42
N LEU D 34 -13.62 -12.10 8.57
CA LEU D 34 -14.43 -10.95 9.00
C LEU D 34 -15.34 -10.54 7.84
N MET D 35 -14.83 -10.60 6.62
CA MET D 35 -15.65 -10.24 5.45
C MET D 35 -16.83 -11.18 5.34
N SER D 36 -16.60 -12.45 5.67
CA SER D 36 -17.63 -13.47 5.63
C SER D 36 -18.72 -13.15 6.64
N LEU D 37 -18.33 -12.79 7.86
CA LEU D 37 -19.29 -12.47 8.88
C LEU D 37 -20.05 -11.18 8.53
N TYR D 38 -19.32 -10.23 7.95
CA TYR D 38 -19.92 -8.95 7.59
C TYR D 38 -20.99 -9.03 6.50
N SER D 39 -20.72 -9.81 5.46
CA SER D 39 -21.67 -9.94 4.37
C SER D 39 -22.85 -10.78 4.84
N ALA D 40 -22.79 -11.24 6.09
CA ALA D 40 -23.87 -12.02 6.68
C ALA D 40 -24.82 -10.99 7.27
N CYS D 41 -24.29 -9.80 7.52
CA CYS D 41 -25.08 -8.69 8.05
C CYS D 41 -25.52 -7.91 6.83
N SER D 42 -24.55 -7.47 6.04
CA SER D 42 -24.82 -6.73 4.81
C SER D 42 -25.73 -7.56 3.93
N VAL D 50 -23.51 -17.45 2.20
CA VAL D 50 -23.23 -16.68 3.40
C VAL D 50 -23.23 -17.57 4.63
N ASP D 51 -22.75 -17.02 5.74
CA ASP D 51 -22.71 -17.77 7.00
C ASP D 51 -24.05 -17.72 7.72
N GLN D 52 -24.80 -18.81 7.61
CA GLN D 52 -26.10 -18.91 8.25
C GLN D 52 -26.02 -18.87 9.77
N LYS D 53 -25.10 -19.65 10.33
CA LYS D 53 -24.94 -19.71 11.77
C LYS D 53 -24.76 -18.31 12.38
N PHE D 54 -23.99 -17.45 11.75
CA PHE D 54 -23.77 -16.10 12.29
C PHE D 54 -24.96 -15.21 11.97
N GLN D 55 -25.44 -15.27 10.73
CA GLN D 55 -26.61 -14.49 10.30
C GLN D 55 -27.85 -14.77 11.18
N SER D 56 -27.99 -16.01 11.64
CA SER D 56 -29.11 -16.38 12.50
C SER D 56 -28.91 -15.73 13.87
N ILE D 57 -27.69 -15.80 14.38
CA ILE D 57 -27.37 -15.22 15.68
C ILE D 57 -27.66 -13.72 15.69
N VAL D 58 -27.37 -13.04 14.59
CA VAL D 58 -27.60 -11.61 14.53
C VAL D 58 -29.10 -11.32 14.43
N ILE D 59 -29.81 -12.08 13.60
CA ILE D 59 -31.26 -11.88 13.44
C ILE D 59 -31.94 -11.84 14.80
N GLY D 60 -31.47 -12.67 15.71
CA GLY D 60 -32.03 -12.73 17.05
C GLY D 60 -31.66 -11.52 17.89
N CYS D 61 -30.67 -10.77 17.43
CA CYS D 61 -30.22 -9.57 18.12
C CYS D 61 -31.25 -8.45 17.97
N ALA D 62 -31.36 -7.64 19.01
CA ALA D 62 -32.21 -6.46 18.98
C ALA D 62 -31.75 -5.62 17.80
N LEU D 63 -32.70 -4.99 17.12
CA LEU D 63 -32.38 -4.27 15.88
C LEU D 63 -31.22 -3.32 16.12
N GLU D 64 -31.29 -2.56 17.20
CA GLU D 64 -30.23 -1.64 17.56
C GLU D 64 -28.91 -2.39 17.72
N ASP D 65 -28.98 -3.52 18.43
CA ASP D 65 -27.80 -4.34 18.65
C ASP D 65 -27.21 -4.82 17.33
N GLN D 66 -28.09 -5.08 16.37
CA GLN D 66 -27.66 -5.53 15.04
C GLN D 66 -26.73 -4.51 14.39
N LYS D 67 -27.15 -3.25 14.41
CA LYS D 67 -26.35 -2.17 13.82
C LYS D 67 -24.98 -2.08 14.49
N LYS D 68 -24.97 -2.23 15.81
CA LYS D 68 -23.73 -2.17 16.57
C LYS D 68 -22.77 -3.26 16.09
N ILE D 69 -23.31 -4.46 15.92
CA ILE D 69 -22.55 -5.63 15.43
C ILE D 69 -21.95 -5.32 14.05
N LYS D 70 -22.83 -4.96 13.13
CA LYS D 70 -22.42 -4.63 11.77
C LYS D 70 -21.32 -3.57 11.76
N ARG D 71 -21.46 -2.59 12.64
CA ARG D 71 -20.51 -1.50 12.74
C ARG D 71 -19.16 -1.98 13.26
N ARG D 72 -19.17 -2.88 14.24
CA ARG D 72 -17.92 -3.40 14.78
C ARG D 72 -17.18 -4.10 13.64
N LEU D 73 -17.91 -4.87 12.86
CA LEU D 73 -17.34 -5.57 11.73
C LEU D 73 -16.69 -4.58 10.77
N GLU D 74 -17.39 -3.50 10.44
CA GLU D 74 -16.84 -2.49 9.53
C GLU D 74 -15.57 -1.90 10.13
N THR D 75 -15.61 -1.59 11.41
CA THR D 75 -14.45 -1.04 12.10
C THR D 75 -13.29 -2.03 12.11
N LEU D 76 -13.59 -3.31 12.40
CA LEU D 76 -12.52 -4.31 12.38
C LEU D 76 -11.92 -4.49 10.98
N LEU D 77 -12.75 -4.49 9.95
CA LEU D 77 -12.26 -4.64 8.57
C LEU D 77 -11.42 -3.42 8.16
N ARG D 78 -11.73 -2.26 8.73
CA ARG D 78 -10.96 -1.07 8.43
C ARG D 78 -9.60 -1.20 9.17
N ASN D 79 -9.64 -1.55 10.45
CA ASN D 79 -8.42 -1.71 11.26
C ASN D 79 -7.47 -2.75 10.64
N ILE D 80 -8.02 -3.89 10.23
CA ILE D 80 -7.22 -4.95 9.64
C ILE D 80 -6.57 -4.42 8.36
N ASP D 81 -7.28 -3.58 7.61
CA ASP D 81 -6.65 -3.05 6.42
C ASP D 81 -5.45 -2.21 6.83
N ASN D 82 -5.53 -1.58 7.99
CA ASN D 82 -4.39 -0.78 8.45
C ASN D 82 -3.27 -1.67 8.94
N SER D 83 -3.60 -2.83 9.50
CA SER D 83 -2.56 -3.74 9.94
C SER D 83 -1.81 -4.13 8.70
N ASP D 84 -2.56 -4.38 7.64
CA ASP D 84 -1.95 -4.79 6.39
C ASP D 84 -0.97 -3.76 5.84
N LYS D 85 -1.45 -2.54 5.65
CA LYS D 85 -0.61 -1.48 5.10
C LYS D 85 0.60 -1.16 5.96
N ALA D 86 0.55 -1.51 7.23
CA ALA D 86 1.67 -1.23 8.13
C ALA D 86 2.90 -2.06 7.74
N ILE D 87 2.68 -3.20 7.09
CA ILE D 87 3.79 -4.07 6.70
C ILE D 87 4.38 -3.71 5.34
N LYS D 88 5.52 -3.04 5.39
CA LYS D 88 6.26 -2.60 4.21
C LYS D 88 7.51 -3.48 4.05
#